data_4FAU
#
_entry.id   4FAU
#
_cell.length_a   89.796
_cell.length_b   95.830
_cell.length_c   227.300
_cell.angle_alpha   90.00
_cell.angle_beta   90.00
_cell.angle_gamma   90.00
#
_symmetry.space_group_name_H-M   'P 21 21 21'
#
loop_
_entity.id
_entity.type
_entity.pdbx_description
1 polymer 'Group IIC intron'
2 non-polymer 'MAGNESIUM ION'
3 non-polymer SPERMINE
4 non-polymer '4-(2-HYDROXYETHYL)-1-PIPERAZINE ETHANESULFONIC ACID'
5 water water
#
_entity_poly.entity_id   1
_entity_poly.type   'polyribonucleotide'
_entity_poly.pdbx_seq_one_letter_code
;GGGGUUAUGUGUGCCCGGCAUGGGUGCAGUCUAUAGGGUGAGAGUCCCGAACUGUGAAGGCAGAAGUAACAGUUAGCCUA
ACGCAAGGGUGUCCGUGGCGACAUGGAAUCUGAAGGAAGCGGACGGCAAACCUUCGGUCUGAGGAACACGAACUUCAUAU
GAGGCUAGGUAUCAAUGGAUGAGUUUGCAUAACAAAACAAAGUCCUUUCUGCCAAAGUUGGUACAGAGUAAAUGAAGCAG
AUUGAUGAAGGGAAAGACUGCAUUCUUACCCGGGGAGGUCUGGAAACAGAAGUCAGCAGAAGUCAUAGUACCCUGUUCGC
AGGGGAAGGACGGAACAAGUAUGGCGUUCGCGCCUAAGCUUGAACCGCCGUAUACCGAACGGUACGUACGGUGGUGUG
;
_entity_poly.pdbx_strand_id   A
#
loop_
_chem_comp.id
_chem_comp.type
_chem_comp.name
_chem_comp.formula
A RNA linking ADENOSINE-5'-MONOPHOSPHATE 'C10 H14 N5 O7 P'
C RNA linking CYTIDINE-5'-MONOPHOSPHATE 'C9 H14 N3 O8 P'
EPE non-polymer '4-(2-HYDROXYETHYL)-1-PIPERAZINE ETHANESULFONIC ACID' 'C8 H18 N2 O4 S'
G RNA linking GUANOSINE-5'-MONOPHOSPHATE 'C10 H14 N5 O8 P'
MG non-polymer 'MAGNESIUM ION' 'Mg 2'
SPM non-polymer SPERMINE 'C10 H26 N4'
U RNA linking URIDINE-5'-MONOPHOSPHATE 'C9 H13 N2 O9 P'
#
# COMPACT_ATOMS: atom_id res chain seq x y z
MG MG B . -1.17 -5.21 -12.48
MG MG C . 25.50 -20.36 -3.28
MG MG D . 0.61 -6.18 -37.12
MG MG E . 28.16 -41.94 -12.14
MG MG F . -15.18 -3.15 3.00
MG MG G . -12.42 22.55 4.18
MG MG H . 22.43 -31.04 -1.76
MG MG I . 12.88 -11.36 6.67
MG MG J . 14.16 -34.66 -18.48
MG MG K . 0.67 -17.66 -7.28
MG MG L . -10.48 0.31 -1.22
MG MG M . -10.39 7.25 18.79
MG MG N . 34.79 -19.47 10.85
MG MG O . 6.13 -25.70 -7.21
MG MG P . 1.84 3.32 -11.53
MG MG Q . 15.82 -26.62 4.31
MG MG R . -10.39 16.54 -19.09
MG MG S . -8.56 3.99 14.11
MG MG T . 28.78 -22.72 2.49
MG MG U . 12.01 -32.99 -9.88
MG MG V . 17.36 -4.36 6.63
MG MG W . 37.08 -27.73 12.82
MG MG X . -2.90 -38.69 -24.28
MG MG Y . 3.33 -20.34 -23.67
N1 SPM Z . -4.21 25.39 -8.37
C2 SPM Z . -3.73 24.27 -7.55
C3 SPM Z . -3.56 24.67 -6.06
C4 SPM Z . -4.39 23.82 -5.08
N5 SPM Z . -3.61 23.31 -3.97
C6 SPM Z . -4.05 23.35 -2.57
C7 SPM Z . -3.46 24.47 -1.68
C8 SPM Z . -3.64 24.14 -0.17
C9 SPM Z . -3.97 25.32 0.76
N10 SPM Z . -4.23 26.57 0.03
C11 SPM Z . -4.44 27.87 0.69
C12 SPM Z . -4.39 27.89 2.23
C13 SPM Z . -3.58 29.10 2.74
N14 SPM Z . -4.18 29.72 3.93
N1 EPE AA . -27.38 0.35 3.15
C2 EPE AA . -27.37 1.84 3.15
C3 EPE AA . -28.73 2.39 3.56
N4 EPE AA . -29.06 1.85 4.88
C5 EPE AA . -29.18 0.40 4.80
C6 EPE AA . -27.79 -0.11 4.49
C9 EPE AA . -26.04 -0.19 2.71
C10 EPE AA . -26.13 -1.19 1.53
S EPE AA . -24.77 -2.08 0.99
O1S EPE AA . -23.48 -1.46 1.04
O2S EPE AA . -25.10 -3.50 0.70
O3S EPE AA . -24.42 -2.64 2.51
C10 EPE BA . -1.36 8.12 10.05
S EPE BA . -1.84 7.77 8.49
O1S EPE BA . -1.01 7.81 7.30
O2S EPE BA . -3.14 7.13 8.26
O3S EPE BA . -1.09 6.36 8.77
C10 EPE CA . 37.07 -11.00 11.14
S EPE CA . 38.67 -11.30 10.80
O1S EPE CA . 38.79 -12.33 9.79
O2S EPE CA . 39.27 -10.06 10.37
O3S EPE CA . 39.48 -11.83 12.14
#